data_5MX0
#
_entry.id   5MX0
#
_cell.length_a   108.110
_cell.length_b   98.930
_cell.length_c   111.340
_cell.angle_alpha   90.00
_cell.angle_beta   107.39
_cell.angle_gamma   90.00
#
_symmetry.space_group_name_H-M   'C 1 2 1'
#
loop_
_entity.id
_entity.type
_entity.pdbx_description
1 polymer Fibromodulin
2 branched beta-D-mannopyranose-(1-4)-2-acetamido-2-deoxy-beta-D-glucopyranose-(1-4)-[alpha-L-fucopyranose-(1-6)]2-acetamido-2-deoxy-beta-D-glucopyranose
3 non-polymer 'CHLORIDE ION'
4 non-polymer 'NICKEL (II) ION'
5 water water
#
_entity_poly.entity_id   1
_entity_poly.type   'polypeptide(L)'
_entity_poly.pdbx_seq_one_letter_code
;GALAQYEDDPHWWFHYLRSQQSTSSDPSDPSPSETSEPSPSGVDEGPASTSGSPSPPDPRDCPQECDCPPNFPTAMYCDN
RNLKYLPFVPSRMKYVYFQNNQITSIQEGVFDNATGLLWIALHGNQITSDKVGRKVFSKLRHLERLYLDHNNLTRMPGPL
PRSLRELHLDHNQISRVPNNALEGLENLTALYLQHNEIQEVGSSMRGLRSLILLDLSYNHLRKVPDGLPSALEQLYMEHN
NVYTVPDSYFRGAPKLLYVRLSHNSLTNNGLASNTFNSSSLLELDLSYNQLQKIPPVNTNLENLYLQGNRINEFSISSFC
TVVDVVNFSKLQVLRLDGNEIKRSAMPADAPLCLRLASLIEI
;
_entity_poly.pdbx_strand_id   A,B
#
# COMPACT_ATOMS: atom_id res chain seq x y z
N PRO A 59 45.41 -29.58 19.55
CA PRO A 59 44.31 -28.65 19.79
C PRO A 59 42.95 -29.36 19.75
N ARG A 60 42.60 -30.04 20.85
CA ARG A 60 41.37 -30.81 20.91
C ARG A 60 40.69 -30.67 22.27
N ASP A 61 40.72 -29.48 22.83
CA ASP A 61 39.99 -29.18 24.06
C ASP A 61 38.49 -29.25 23.80
N CYS A 62 37.73 -29.66 24.80
CA CYS A 62 36.28 -29.79 24.65
C CYS A 62 35.59 -29.63 26.00
N PRO A 63 34.50 -28.83 26.05
CA PRO A 63 33.74 -28.72 27.30
C PRO A 63 33.28 -30.09 27.80
N GLN A 64 33.31 -30.28 29.11
CA GLN A 64 33.02 -31.58 29.71
C GLN A 64 31.58 -32.02 29.46
N GLU A 65 30.67 -31.05 29.37
CA GLU A 65 29.25 -31.35 29.22
C GLU A 65 28.88 -31.68 27.78
N CYS A 66 29.83 -31.53 26.86
CA CYS A 66 29.58 -31.77 25.44
C CYS A 66 30.35 -32.99 24.92
N ASP A 67 30.04 -33.39 23.69
CA ASP A 67 30.72 -34.49 23.04
C ASP A 67 31.29 -34.05 21.69
N CYS A 68 32.59 -34.26 21.52
CA CYS A 68 33.29 -33.92 20.28
C CYS A 68 33.84 -35.19 19.62
N PRO A 69 33.19 -35.66 18.55
CA PRO A 69 33.65 -36.91 17.94
C PRO A 69 35.07 -36.82 17.35
N PRO A 70 35.93 -37.81 17.64
CA PRO A 70 37.30 -37.76 17.10
C PRO A 70 37.34 -37.87 15.58
N ASN A 71 36.41 -38.64 15.02
CA ASN A 71 36.36 -38.86 13.57
C ASN A 71 35.90 -37.61 12.81
N PHE A 72 35.41 -36.61 13.53
CA PHE A 72 34.88 -35.40 12.91
C PHE A 72 35.10 -34.21 13.86
N PRO A 73 36.36 -33.79 14.02
CA PRO A 73 36.76 -32.83 15.07
C PRO A 73 36.23 -31.40 14.90
N THR A 74 35.49 -31.12 13.83
CA THR A 74 34.96 -29.77 13.61
C THR A 74 33.49 -29.65 14.01
N ALA A 75 32.97 -30.68 14.68
CA ALA A 75 31.58 -30.68 15.16
C ALA A 75 31.53 -30.83 16.67
N MET A 76 30.54 -30.20 17.30
CA MET A 76 30.35 -30.28 18.75
C MET A 76 28.88 -30.50 19.08
N TYR A 77 28.60 -31.58 19.80
CA TYR A 77 27.23 -31.95 20.15
C TYR A 77 26.94 -31.69 21.63
N CYS A 78 25.94 -30.84 21.87
CA CYS A 78 25.55 -30.46 23.24
C CYS A 78 24.03 -30.49 23.39
N ASP A 79 23.36 -31.27 22.55
CA ASP A 79 21.90 -31.27 22.48
C ASP A 79 21.26 -32.26 23.46
N ASN A 80 20.09 -31.88 23.99
CA ASN A 80 19.27 -32.77 24.80
C ASN A 80 20.01 -33.28 26.04
N ARG A 81 20.53 -32.34 26.83
CA ARG A 81 21.37 -32.65 27.98
C ARG A 81 21.00 -31.87 29.24
N ASN A 82 19.85 -31.21 29.20
CA ASN A 82 19.43 -30.32 30.29
C ASN A 82 20.46 -29.23 30.61
N LEU A 83 21.11 -28.71 29.57
CA LEU A 83 22.07 -27.63 29.76
C LEU A 83 21.35 -26.34 30.16
N LYS A 84 22.03 -25.52 30.96
CA LYS A 84 21.44 -24.27 31.46
C LYS A 84 22.13 -23.04 30.85
N TYR A 85 23.23 -23.25 30.15
CA TYR A 85 23.97 -22.16 29.53
C TYR A 85 24.89 -22.67 28.42
N LEU A 86 25.34 -21.77 27.55
CA LEU A 86 26.24 -22.13 26.47
C LEU A 86 27.71 -22.02 26.89
N PRO A 87 28.47 -23.13 26.75
CA PRO A 87 29.92 -22.98 26.96
C PRO A 87 30.57 -22.24 25.79
N PHE A 88 31.77 -21.69 26.01
CA PHE A 88 32.47 -21.00 24.94
C PHE A 88 32.98 -21.99 23.90
N VAL A 89 32.67 -21.73 22.64
CA VAL A 89 32.95 -22.67 21.55
C VAL A 89 34.44 -22.70 21.20
N PRO A 90 35.04 -23.91 21.12
CA PRO A 90 36.44 -24.01 20.67
C PRO A 90 36.66 -23.48 19.25
N SER A 91 37.89 -23.06 18.97
CA SER A 91 38.23 -22.36 17.73
C SER A 91 37.95 -23.17 16.45
N ARG A 92 38.13 -24.47 16.52
CA ARG A 92 38.08 -25.32 15.33
C ARG A 92 36.66 -25.65 14.84
N MET A 93 35.65 -25.35 15.65
CA MET A 93 34.29 -25.82 15.36
C MET A 93 33.64 -25.11 14.18
N LYS A 94 32.97 -25.90 13.34
CA LYS A 94 32.19 -25.41 12.21
C LYS A 94 30.70 -25.71 12.41
N TYR A 95 30.42 -26.74 13.21
CA TYR A 95 29.04 -27.17 13.49
C TYR A 95 28.84 -27.35 14.99
N VAL A 96 27.87 -26.63 15.55
CA VAL A 96 27.55 -26.74 16.98
C VAL A 96 26.06 -26.96 17.18
N TYR A 97 25.72 -27.86 18.10
CA TYR A 97 24.33 -28.28 18.33
C TYR A 97 23.95 -28.15 19.80
N PHE A 98 23.11 -27.17 20.11
CA PHE A 98 22.69 -26.90 21.48
C PHE A 98 21.18 -27.05 21.66
N GLN A 99 20.50 -27.70 20.71
CA GLN A 99 19.04 -27.73 20.72
C GLN A 99 18.48 -28.55 21.88
N ASN A 100 17.25 -28.21 22.28
CA ASN A 100 16.48 -28.98 23.25
C ASN A 100 17.14 -29.08 24.62
N ASN A 101 17.49 -27.93 25.18
CA ASN A 101 17.93 -27.83 26.57
C ASN A 101 17.07 -26.77 27.28
N GLN A 102 17.60 -26.18 28.34
CA GLN A 102 16.89 -25.11 29.06
C GLN A 102 17.74 -23.83 29.10
N ILE A 103 18.38 -23.51 27.99
CA ILE A 103 19.22 -22.33 27.89
C ILE A 103 18.35 -21.08 27.84
N THR A 104 18.81 -20.01 28.51
CA THR A 104 18.03 -18.79 28.65
C THR A 104 18.73 -17.57 28.05
N SER A 105 20.00 -17.71 27.71
CA SER A 105 20.79 -16.59 27.22
C SER A 105 21.90 -16.99 26.26
N ILE A 106 22.26 -16.06 25.38
CA ILE A 106 23.42 -16.21 24.50
C ILE A 106 24.42 -15.11 24.87
N GLN A 107 25.36 -15.44 25.76
CA GLN A 107 26.25 -14.43 26.33
C GLN A 107 27.17 -13.82 25.27
N GLU A 108 27.58 -12.59 25.52
CA GLU A 108 28.45 -11.85 24.61
C GLU A 108 29.80 -12.54 24.44
N GLY A 109 30.21 -12.73 23.20
CA GLY A 109 31.52 -13.28 22.89
C GLY A 109 31.60 -14.80 22.84
N VAL A 110 30.45 -15.47 22.87
CA VAL A 110 30.44 -16.93 22.96
C VAL A 110 31.03 -17.61 21.72
N PHE A 111 30.85 -17.00 20.54
CA PHE A 111 31.31 -17.60 19.28
C PHE A 111 32.57 -16.94 18.72
N ASP A 112 33.21 -16.08 19.50
CA ASP A 112 34.29 -15.23 18.98
C ASP A 112 35.58 -15.98 18.61
N ASN A 113 35.82 -17.14 19.21
CA ASN A 113 36.99 -17.95 18.84
C ASN A 113 36.73 -18.75 17.56
N ALA A 114 35.49 -19.18 17.36
CA ALA A 114 35.13 -20.00 16.20
C ALA A 114 34.59 -19.15 15.05
N THR A 115 35.50 -18.47 14.35
CA THR A 115 35.12 -17.56 13.28
C THR A 115 34.71 -18.28 12.00
N GLY A 116 34.88 -19.60 11.97
CA GLY A 116 34.56 -20.40 10.81
C GLY A 116 33.27 -21.20 10.92
N LEU A 117 32.40 -20.80 11.85
CA LEU A 117 31.15 -21.52 12.07
C LEU A 117 30.22 -21.42 10.86
N LEU A 118 29.64 -22.57 10.50
CA LEU A 118 28.69 -22.65 9.39
C LEU A 118 27.27 -22.90 9.90
N TRP A 119 27.16 -23.77 10.89
CA TRP A 119 25.88 -24.18 11.47
C TRP A 119 25.77 -23.81 12.95
N ILE A 120 24.63 -23.25 13.35
CA ILE A 120 24.32 -23.05 14.77
C ILE A 120 22.87 -23.43 15.04
N ALA A 121 22.68 -24.50 15.82
CA ALA A 121 21.35 -24.96 16.20
C ALA A 121 21.07 -24.60 17.66
N LEU A 122 20.08 -23.73 17.88
CA LEU A 122 19.73 -23.27 19.22
C LEU A 122 18.22 -23.41 19.47
N HIS A 123 17.53 -24.17 18.61
CA HIS A 123 16.08 -24.28 18.74
C HIS A 123 15.69 -25.18 19.90
N GLY A 124 14.53 -24.89 20.51
CA GLY A 124 14.00 -25.69 21.59
C GLY A 124 14.57 -25.36 22.95
N ASN A 125 14.80 -24.07 23.20
CA ASN A 125 15.26 -23.60 24.51
C ASN A 125 14.28 -22.53 25.02
N GLN A 126 14.74 -21.66 25.92
CA GLN A 126 13.89 -20.61 26.48
C GLN A 126 14.57 -19.25 26.44
N ILE A 127 15.25 -18.98 25.33
CA ILE A 127 15.99 -17.74 25.17
C ILE A 127 15.06 -16.55 25.00
N THR A 128 15.37 -15.46 25.70
CA THR A 128 14.60 -14.21 25.61
C THR A 128 15.42 -13.14 24.88
N SER A 129 14.73 -12.17 24.29
CA SER A 129 15.38 -11.15 23.49
C SER A 129 16.33 -10.26 24.29
N ASP A 130 15.99 -10.01 25.55
CA ASP A 130 16.82 -9.17 26.41
C ASP A 130 18.11 -9.87 26.81
N LYS A 131 18.18 -11.18 26.57
CA LYS A 131 19.35 -11.98 26.95
C LYS A 131 20.12 -12.49 25.74
N VAL A 132 19.91 -11.87 24.58
CA VAL A 132 20.75 -12.11 23.41
C VAL A 132 21.89 -11.10 23.43
N GLY A 133 23.12 -11.59 23.50
CA GLY A 133 24.29 -10.74 23.64
C GLY A 133 24.46 -9.72 22.54
N ARG A 134 25.21 -8.66 22.85
CA ARG A 134 25.49 -7.59 21.91
C ARG A 134 26.44 -8.05 20.80
N LYS A 135 25.99 -7.90 19.55
CA LYS A 135 26.82 -8.22 18.38
C LYS A 135 27.37 -9.64 18.42
N VAL A 136 26.59 -10.57 18.95
CA VAL A 136 27.09 -11.92 19.21
C VAL A 136 27.32 -12.73 17.92
N PHE A 137 26.62 -12.36 16.84
CA PHE A 137 26.78 -13.03 15.55
C PHE A 137 27.66 -12.25 14.57
N SER A 138 28.18 -11.10 15.01
CA SER A 138 28.80 -10.15 14.10
C SER A 138 30.11 -10.63 13.48
N LYS A 139 30.89 -11.43 14.21
CA LYS A 139 32.19 -11.86 13.73
C LYS A 139 32.14 -13.19 12.97
N LEU A 140 30.94 -13.73 12.78
CA LEU A 140 30.75 -14.97 12.04
C LEU A 140 30.35 -14.68 10.60
N ARG A 141 31.34 -14.40 9.76
CA ARG A 141 31.08 -13.90 8.41
C ARG A 141 30.92 -15.02 7.37
N HIS A 142 30.90 -16.27 7.83
CA HIS A 142 30.70 -17.41 6.94
C HIS A 142 29.47 -18.24 7.35
N LEU A 143 28.74 -17.76 8.36
CA LEU A 143 27.58 -18.49 8.87
C LEU A 143 26.51 -18.65 7.80
N GLU A 144 26.04 -19.89 7.60
CA GLU A 144 25.07 -20.20 6.56
C GLU A 144 23.70 -20.56 7.10
N ARG A 145 23.65 -21.23 8.25
CA ARG A 145 22.40 -21.73 8.81
C ARG A 145 22.28 -21.45 10.31
N LEU A 146 21.14 -20.88 10.70
CA LEU A 146 20.88 -20.52 12.09
C LEU A 146 19.45 -20.92 12.49
N TYR A 147 19.34 -21.77 13.51
CA TYR A 147 18.06 -22.27 14.00
C TYR A 147 17.75 -21.71 15.38
N LEU A 148 16.70 -20.89 15.45
CA LEU A 148 16.30 -20.23 16.70
C LEU A 148 14.80 -20.42 16.98
N ASP A 149 14.18 -21.38 16.30
CA ASP A 149 12.75 -21.63 16.47
C ASP A 149 12.48 -22.24 17.85
N HIS A 150 11.23 -22.11 18.32
CA HIS A 150 10.81 -22.65 19.60
C HIS A 150 11.61 -22.09 20.78
N ASN A 151 11.65 -20.77 20.88
CA ASN A 151 12.22 -20.08 22.05
C ASN A 151 11.22 -19.04 22.57
N ASN A 152 11.69 -18.09 23.40
CA ASN A 152 10.83 -17.05 23.97
C ASN A 152 11.17 -15.65 23.44
N LEU A 153 11.55 -15.55 22.17
CA LEU A 153 11.93 -14.27 21.58
C LEU A 153 10.72 -13.36 21.33
N THR A 154 10.89 -12.07 21.62
CA THR A 154 9.83 -11.08 21.40
C THR A 154 10.21 -10.06 20.33
N ARG A 155 11.49 -10.07 19.93
CA ARG A 155 11.99 -9.18 18.89
C ARG A 155 12.94 -9.91 17.95
N MET A 156 13.14 -9.34 16.76
CA MET A 156 14.10 -9.90 15.82
C MET A 156 15.51 -9.81 16.40
N PRO A 157 16.26 -10.91 16.38
CA PRO A 157 17.66 -10.84 16.84
C PRO A 157 18.56 -10.29 15.73
N GLY A 158 19.64 -9.62 16.11
CA GLY A 158 20.56 -9.08 15.12
C GLY A 158 21.66 -8.21 15.73
N PRO A 159 22.53 -7.67 14.87
CA PRO A 159 22.53 -7.85 13.43
C PRO A 159 22.96 -9.26 13.00
N LEU A 160 22.52 -9.68 11.82
CA LEU A 160 22.80 -11.03 11.31
C LEU A 160 23.85 -11.00 10.21
N PRO A 161 24.65 -12.07 10.11
CA PRO A 161 25.68 -12.13 9.06
C PRO A 161 25.10 -12.19 7.65
N ARG A 162 25.75 -11.51 6.72
CA ARG A 162 25.23 -11.38 5.35
C ARG A 162 25.42 -12.65 4.52
N SER A 163 25.94 -13.70 5.14
CA SER A 163 26.19 -14.96 4.45
C SER A 163 25.10 -16.01 4.68
N LEU A 164 24.08 -15.67 5.47
CA LEU A 164 23.05 -16.65 5.85
C LEU A 164 22.25 -17.14 4.65
N ARG A 165 21.94 -18.44 4.66
CA ARG A 165 21.16 -19.08 3.60
C ARG A 165 19.80 -19.56 4.12
N GLU A 166 19.75 -19.97 5.38
CA GLU A 166 18.50 -20.37 6.02
C GLU A 166 18.38 -19.76 7.41
N LEU A 167 17.19 -19.28 7.75
CA LEU A 167 16.93 -18.69 9.05
C LEU A 167 15.58 -19.16 9.59
N HIS A 168 15.63 -19.83 10.74
CA HIS A 168 14.41 -20.33 11.40
C HIS A 168 14.12 -19.51 12.66
N LEU A 169 12.93 -18.93 12.71
CA LEU A 169 12.51 -18.08 13.82
C LEU A 169 11.05 -18.33 14.19
N ASP A 170 10.53 -19.48 13.74
CA ASP A 170 9.12 -19.80 13.96
C ASP A 170 8.87 -20.23 15.40
N HIS A 171 7.61 -20.17 15.81
CA HIS A 171 7.17 -20.55 17.15
C HIS A 171 7.93 -19.79 18.25
N ASN A 172 8.01 -18.48 18.07
CA ASN A 172 8.43 -17.56 19.13
C ASN A 172 7.27 -16.61 19.43
N GLN A 173 7.56 -15.43 19.97
CA GLN A 173 6.52 -14.43 20.24
C GLN A 173 6.92 -13.08 19.66
N ILE A 174 7.54 -13.12 18.48
CA ILE A 174 8.00 -11.91 17.81
C ILE A 174 6.79 -11.07 17.37
N SER A 175 6.85 -9.77 17.65
CA SER A 175 5.70 -8.89 17.44
C SER A 175 5.86 -8.01 16.19
N ARG A 176 7.06 -7.99 15.61
CA ARG A 176 7.35 -7.07 14.51
C ARG A 176 8.69 -7.36 13.86
N VAL A 177 8.76 -7.10 12.56
CA VAL A 177 10.01 -7.18 11.81
C VAL A 177 10.37 -5.79 11.31
N PRO A 178 11.30 -5.09 11.99
CA PRO A 178 11.67 -3.75 11.51
C PRO A 178 12.28 -3.76 10.12
N ASN A 179 12.26 -2.61 9.46
CA ASN A 179 12.65 -2.52 8.06
C ASN A 179 14.09 -2.91 7.76
N ASN A 180 14.97 -2.74 8.74
CA ASN A 180 16.40 -3.02 8.56
C ASN A 180 16.84 -4.34 9.20
N ALA A 181 15.87 -5.16 9.61
CA ALA A 181 16.16 -6.37 10.38
C ALA A 181 16.92 -7.42 9.58
N LEU A 182 16.75 -7.40 8.26
CA LEU A 182 17.35 -8.41 7.38
C LEU A 182 18.22 -7.77 6.32
N GLU A 183 18.84 -6.64 6.66
CA GLU A 183 19.65 -5.87 5.72
C GLU A 183 20.88 -6.65 5.25
N GLY A 184 21.01 -6.79 3.93
CA GLY A 184 22.22 -7.33 3.33
C GLY A 184 22.24 -8.84 3.13
N LEU A 185 21.17 -9.52 3.51
CA LEU A 185 21.13 -10.98 3.39
C LEU A 185 20.72 -11.40 1.97
N GLU A 186 21.65 -11.29 1.03
CA GLU A 186 21.36 -11.52 -0.37
C GLU A 186 21.55 -12.97 -0.82
N ASN A 187 21.93 -13.85 0.11
CA ASN A 187 22.04 -15.27 -0.16
C ASN A 187 20.98 -16.09 0.60
N LEU A 188 20.13 -15.40 1.35
CA LEU A 188 19.07 -16.06 2.11
C LEU A 188 18.02 -16.65 1.17
N THR A 189 17.84 -17.96 1.22
CA THR A 189 16.90 -18.66 0.33
C THR A 189 15.59 -19.06 1.02
N ALA A 190 15.61 -19.18 2.34
CA ALA A 190 14.42 -19.59 3.10
C ALA A 190 14.32 -18.87 4.44
N LEU A 191 13.14 -18.35 4.73
CA LEU A 191 12.88 -17.62 5.96
C LEU A 191 11.59 -18.09 6.63
N TYR A 192 11.72 -18.67 7.82
CA TYR A 192 10.57 -19.21 8.55
C TYR A 192 10.20 -18.33 9.75
N LEU A 193 8.98 -17.84 9.73
CA LEU A 193 8.50 -16.90 10.76
C LEU A 193 7.08 -17.23 11.23
N GLN A 194 6.60 -18.43 10.91
CA GLN A 194 5.22 -18.77 11.24
C GLN A 194 5.03 -18.96 12.74
N HIS A 195 3.79 -18.82 13.20
CA HIS A 195 3.44 -19.01 14.61
C HIS A 195 4.15 -18.01 15.53
N ASN A 196 4.15 -16.75 15.13
CA ASN A 196 4.58 -15.65 15.97
C ASN A 196 3.39 -14.71 16.23
N GLU A 197 3.66 -13.47 16.60
CA GLU A 197 2.61 -12.48 16.81
C GLU A 197 2.88 -11.22 15.98
N ILE A 198 3.49 -11.42 14.81
CA ILE A 198 3.91 -10.32 13.95
C ILE A 198 2.70 -9.56 13.40
N GLN A 199 2.77 -8.23 13.48
CA GLN A 199 1.70 -7.37 13.02
C GLN A 199 2.04 -6.68 11.69
N GLU A 200 3.34 -6.51 11.43
CA GLU A 200 3.79 -5.83 10.21
C GLU A 200 5.27 -6.14 9.95
N VAL A 201 5.65 -6.18 8.67
CA VAL A 201 7.04 -6.44 8.29
C VAL A 201 7.60 -5.30 7.43
N GLY A 202 6.75 -4.38 7.03
CA GLY A 202 7.17 -3.22 6.27
C GLY A 202 7.91 -3.57 4.98
N SER A 203 9.08 -2.96 4.81
CA SER A 203 9.87 -3.14 3.59
C SER A 203 11.09 -4.04 3.82
N SER A 204 11.03 -4.88 4.85
CA SER A 204 12.17 -5.68 5.26
C SER A 204 12.56 -6.78 4.27
N MET A 205 11.64 -7.12 3.37
CA MET A 205 11.84 -8.25 2.46
C MET A 205 12.37 -7.86 1.09
N ARG A 206 12.40 -6.56 0.80
CA ARG A 206 12.69 -6.08 -0.55
C ARG A 206 14.08 -6.44 -1.06
N GLY A 207 15.06 -6.49 -0.17
CA GLY A 207 16.45 -6.67 -0.58
C GLY A 207 16.93 -8.11 -0.63
N LEU A 208 16.04 -9.06 -0.40
CA LEU A 208 16.42 -10.47 -0.33
C LEU A 208 16.38 -11.11 -1.72
N ARG A 209 17.46 -10.91 -2.48
CA ARG A 209 17.51 -11.29 -3.89
C ARG A 209 17.45 -12.80 -4.15
N SER A 210 17.78 -13.60 -3.15
CA SER A 210 17.85 -15.05 -3.31
C SER A 210 16.67 -15.79 -2.67
N LEU A 211 15.78 -15.06 -2.02
CA LEU A 211 14.71 -15.68 -1.24
C LEU A 211 13.73 -16.46 -2.11
N ILE A 212 13.56 -17.74 -1.80
CA ILE A 212 12.64 -18.61 -2.52
C ILE A 212 11.34 -18.80 -1.73
N LEU A 213 11.46 -18.92 -0.42
CA LEU A 213 10.32 -19.24 0.46
C LEU A 213 10.19 -18.24 1.60
N LEU A 214 8.97 -17.76 1.81
CA LEU A 214 8.65 -16.91 2.96
C LEU A 214 7.37 -17.39 3.64
N ASP A 215 7.48 -17.80 4.90
CA ASP A 215 6.34 -18.28 5.68
C ASP A 215 5.99 -17.30 6.80
N LEU A 216 4.82 -16.67 6.68
CA LEU A 216 4.34 -15.70 7.66
C LEU A 216 2.97 -16.12 8.22
N SER A 217 2.61 -17.38 8.03
CA SER A 217 1.30 -17.87 8.44
C SER A 217 1.15 -17.93 9.97
N TYR A 218 -0.10 -17.90 10.43
CA TYR A 218 -0.42 -17.94 11.85
C TYR A 218 0.24 -16.81 12.64
N ASN A 219 0.02 -15.57 12.19
CA ASN A 219 0.53 -14.37 12.85
C ASN A 219 -0.63 -13.39 13.10
N HIS A 220 -0.31 -12.11 13.25
CA HIS A 220 -1.31 -11.05 13.42
C HIS A 220 -1.21 -10.00 12.32
N LEU A 221 -0.78 -10.40 11.13
CA LEU A 221 -0.54 -9.46 10.03
C LEU A 221 -1.77 -8.62 9.70
N ARG A 222 -1.60 -7.30 9.77
CA ARG A 222 -2.65 -6.36 9.39
C ARG A 222 -2.44 -5.86 7.96
N LYS A 223 -1.20 -5.99 7.48
CA LYS A 223 -0.82 -5.48 6.16
C LYS A 223 0.14 -6.45 5.48
N VAL A 224 -0.03 -6.64 4.18
CA VAL A 224 0.90 -7.47 3.41
C VAL A 224 2.26 -6.77 3.34
N PRO A 225 3.33 -7.54 3.08
CA PRO A 225 4.66 -6.93 2.95
C PRO A 225 4.72 -5.86 1.87
N ASP A 226 5.29 -4.71 2.20
CA ASP A 226 5.41 -3.60 1.26
C ASP A 226 6.58 -3.85 0.30
N GLY A 227 6.35 -4.73 -0.67
CA GLY A 227 7.36 -5.07 -1.65
C GLY A 227 7.90 -6.49 -1.48
N LEU A 228 7.90 -7.24 -2.58
CA LEU A 228 8.39 -8.62 -2.57
C LEU A 228 9.65 -8.72 -3.44
N PRO A 229 10.60 -9.59 -3.06
CA PRO A 229 11.78 -9.79 -3.90
C PRO A 229 11.45 -10.59 -5.17
N SER A 230 12.38 -10.63 -6.11
CA SER A 230 12.06 -11.05 -7.48
C SER A 230 12.21 -12.54 -7.77
N ALA A 231 12.82 -13.29 -6.84
CA ALA A 231 13.01 -14.73 -7.04
C ALA A 231 12.04 -15.56 -6.20
N LEU A 232 11.14 -14.90 -5.49
CA LEU A 232 10.20 -15.57 -4.60
C LEU A 232 9.27 -16.52 -5.35
N GLU A 233 9.13 -17.74 -4.82
CA GLU A 233 8.30 -18.77 -5.44
C GLU A 233 7.15 -19.22 -4.54
N GLN A 234 7.35 -19.10 -3.22
CA GLN A 234 6.36 -19.54 -2.25
C GLN A 234 6.10 -18.46 -1.19
N LEU A 235 4.82 -18.15 -0.98
CA LEU A 235 4.43 -17.12 -0.03
C LEU A 235 3.19 -17.57 0.76
N TYR A 236 3.37 -17.77 2.06
CA TYR A 236 2.29 -18.27 2.92
C TYR A 236 1.90 -17.25 3.99
N MET A 237 0.64 -16.85 3.99
CA MET A 237 0.13 -15.83 4.91
C MET A 237 -1.25 -16.17 5.45
N GLU A 238 -1.59 -17.46 5.50
CA GLU A 238 -2.89 -17.88 6.00
C GLU A 238 -3.00 -17.64 7.51
N HIS A 239 -4.23 -17.52 8.00
CA HIS A 239 -4.50 -17.26 9.41
C HIS A 239 -3.83 -15.99 9.91
N ASN A 240 -4.22 -14.87 9.31
CA ASN A 240 -3.77 -13.54 9.72
C ASN A 240 -4.97 -12.59 9.72
N ASN A 241 -4.72 -11.28 9.73
CA ASN A 241 -5.79 -10.28 9.74
C ASN A 241 -5.70 -9.31 8.56
N VAL A 242 -5.36 -9.84 7.39
CA VAL A 242 -5.28 -9.04 6.18
C VAL A 242 -6.67 -8.73 5.64
N TYR A 243 -6.91 -7.47 5.29
CA TYR A 243 -8.22 -7.04 4.80
C TYR A 243 -8.13 -6.31 3.45
N THR A 244 -6.91 -6.03 3.01
CA THR A 244 -6.70 -5.29 1.77
C THR A 244 -5.43 -5.76 1.04
N VAL A 245 -5.49 -5.79 -0.28
CA VAL A 245 -4.32 -6.10 -1.11
C VAL A 245 -4.29 -5.11 -2.28
N PRO A 246 -3.13 -4.45 -2.49
CA PRO A 246 -3.07 -3.38 -3.51
C PRO A 246 -3.13 -3.87 -4.96
N ASP A 247 -3.33 -2.92 -5.87
CA ASP A 247 -3.37 -3.18 -7.30
C ASP A 247 -2.03 -3.70 -7.80
N SER A 248 -2.05 -4.74 -8.61
CA SER A 248 -0.84 -5.27 -9.24
C SER A 248 0.22 -5.70 -8.22
N TYR A 249 -0.22 -6.27 -7.11
CA TYR A 249 0.67 -6.58 -5.99
C TYR A 249 1.70 -7.66 -6.34
N PHE A 250 1.32 -8.62 -7.17
CA PHE A 250 2.18 -9.77 -7.46
C PHE A 250 2.97 -9.60 -8.77
N ARG A 251 2.80 -8.48 -9.45
CA ARG A 251 3.52 -8.23 -10.68
C ARG A 251 5.03 -8.05 -10.42
N GLY A 252 5.36 -7.73 -9.17
CA GLY A 252 6.74 -7.52 -8.78
C GLY A 252 7.48 -8.81 -8.45
N ALA A 253 6.76 -9.92 -8.49
CA ALA A 253 7.34 -11.24 -8.23
C ALA A 253 7.11 -12.17 -9.42
N PRO A 254 7.96 -12.06 -10.46
CA PRO A 254 7.78 -12.77 -11.74
C PRO A 254 7.74 -14.29 -11.64
N LYS A 255 8.27 -14.86 -10.56
CA LYS A 255 8.43 -16.32 -10.47
C LYS A 255 7.60 -16.94 -9.35
N LEU A 256 6.61 -16.20 -8.86
CA LEU A 256 5.77 -16.68 -7.76
C LEU A 256 4.83 -17.79 -8.24
N LEU A 257 4.82 -18.91 -7.50
CA LEU A 257 4.07 -20.10 -7.89
C LEU A 257 2.91 -20.44 -6.96
N TYR A 258 3.17 -20.35 -5.65
CA TYR A 258 2.19 -20.74 -4.64
C TYR A 258 1.89 -19.63 -3.63
N VAL A 259 0.61 -19.33 -3.44
CA VAL A 259 0.18 -18.32 -2.48
C VAL A 259 -1.00 -18.82 -1.64
N ARG A 260 -0.87 -18.69 -0.33
CA ARG A 260 -1.96 -19.01 0.60
C ARG A 260 -2.37 -17.78 1.41
N LEU A 261 -3.63 -17.41 1.29
CA LEU A 261 -4.18 -16.23 1.99
C LEU A 261 -5.53 -16.56 2.63
N SER A 262 -5.72 -17.84 2.97
CA SER A 262 -6.97 -18.29 3.57
C SER A 262 -7.09 -17.84 5.03
N HIS A 263 -8.31 -17.81 5.54
CA HIS A 263 -8.58 -17.42 6.92
C HIS A 263 -8.01 -16.04 7.25
N ASN A 264 -8.33 -15.08 6.37
CA ASN A 264 -8.04 -13.67 6.60
C ASN A 264 -9.36 -12.89 6.57
N SER A 265 -9.32 -11.59 6.32
CA SER A 265 -10.53 -10.77 6.30
C SER A 265 -10.72 -10.04 4.98
N LEU A 266 -10.46 -10.74 3.87
CA LEU A 266 -10.53 -10.13 2.55
C LEU A 266 -11.97 -9.93 2.07
N THR A 267 -12.21 -8.78 1.46
CA THR A 267 -13.46 -8.50 0.76
C THR A 267 -13.10 -7.94 -0.61
N ASN A 268 -14.01 -8.06 -1.58
CA ASN A 268 -13.75 -7.58 -2.93
C ASN A 268 -13.48 -6.08 -2.96
N ASN A 269 -14.14 -5.35 -2.06
CA ASN A 269 -13.93 -3.90 -1.97
C ASN A 269 -12.55 -3.54 -1.45
N GLY A 270 -11.86 -4.51 -0.86
CA GLY A 270 -10.50 -4.32 -0.38
C GLY A 270 -9.47 -4.78 -1.40
N LEU A 271 -9.93 -5.15 -2.58
CA LEU A 271 -9.04 -5.62 -3.65
C LEU A 271 -9.17 -4.74 -4.88
N ALA A 272 -8.21 -4.88 -5.78
CA ALA A 272 -8.31 -4.31 -7.13
C ALA A 272 -8.69 -5.42 -8.09
N SER A 273 -9.10 -5.05 -9.30
CA SER A 273 -9.53 -6.04 -10.28
C SER A 273 -8.41 -7.02 -10.65
N ASN A 274 -7.20 -6.48 -10.79
CA ASN A 274 -6.08 -7.28 -11.30
C ASN A 274 -5.17 -7.85 -10.21
N THR A 275 -5.58 -7.72 -8.95
CA THR A 275 -4.74 -8.10 -7.82
C THR A 275 -4.21 -9.54 -7.94
N PHE A 276 -5.10 -10.49 -8.23
CA PHE A 276 -4.73 -11.90 -8.30
C PHE A 276 -4.54 -12.41 -9.74
N ASN A 277 -4.49 -11.48 -10.71
CA ASN A 277 -4.19 -11.84 -12.09
C ASN A 277 -2.68 -11.77 -12.34
N SER A 278 -2.03 -12.92 -12.27
CA SER A 278 -0.58 -13.02 -12.49
C SER A 278 -0.26 -14.26 -13.32
N SER A 279 0.68 -14.11 -14.25
CA SER A 279 0.98 -15.15 -15.23
C SER A 279 1.79 -16.33 -14.67
N SER A 280 2.39 -16.15 -13.49
CA SER A 280 3.28 -17.17 -12.93
C SER A 280 2.58 -18.14 -11.97
N LEU A 281 1.53 -17.66 -11.30
CA LEU A 281 0.85 -18.45 -10.25
C LEU A 281 0.29 -19.79 -10.75
N LEU A 282 0.49 -20.82 -9.93
CA LEU A 282 -0.06 -22.15 -10.20
C LEU A 282 -1.17 -22.50 -9.21
N GLU A 283 -0.96 -22.17 -7.93
CA GLU A 283 -1.95 -22.43 -6.88
C GLU A 283 -2.25 -21.18 -6.07
N LEU A 284 -3.54 -20.98 -5.78
CA LEU A 284 -4.00 -19.85 -4.99
C LEU A 284 -5.10 -20.27 -4.02
N ASP A 285 -4.86 -20.08 -2.73
CA ASP A 285 -5.81 -20.46 -1.69
C ASP A 285 -6.37 -19.22 -1.00
N LEU A 286 -7.66 -18.98 -1.19
CA LEU A 286 -8.35 -17.83 -0.61
C LEU A 286 -9.61 -18.23 0.15
N SER A 287 -9.60 -19.45 0.68
CA SER A 287 -10.78 -19.98 1.37
C SER A 287 -11.01 -19.29 2.72
N TYR A 288 -12.27 -19.27 3.14
CA TYR A 288 -12.69 -18.66 4.41
C TYR A 288 -12.22 -17.21 4.58
N ASN A 289 -12.49 -16.41 3.55
CA ASN A 289 -12.48 -14.95 3.67
C ASN A 289 -13.94 -14.49 3.58
N GLN A 290 -14.18 -13.24 3.22
CA GLN A 290 -15.55 -12.74 3.07
C GLN A 290 -15.80 -12.20 1.66
N LEU A 291 -15.39 -12.98 0.66
CA LEU A 291 -15.57 -12.58 -0.73
C LEU A 291 -17.00 -12.83 -1.21
N GLN A 292 -17.52 -11.91 -2.02
CA GLN A 292 -18.87 -12.04 -2.59
C GLN A 292 -18.82 -12.34 -4.08
N LYS A 293 -17.67 -12.10 -4.68
CA LYS A 293 -17.46 -12.35 -6.11
C LYS A 293 -16.14 -13.09 -6.33
N ILE A 294 -16.08 -13.92 -7.36
CA ILE A 294 -14.83 -14.57 -7.74
C ILE A 294 -13.84 -13.53 -8.24
N PRO A 295 -12.72 -13.35 -7.54
CA PRO A 295 -11.74 -12.39 -8.04
C PRO A 295 -11.11 -12.86 -9.36
N PRO A 296 -10.90 -11.95 -10.33
CA PRO A 296 -10.32 -12.35 -11.61
C PRO A 296 -8.96 -13.03 -11.50
N VAL A 297 -8.69 -13.99 -12.37
CA VAL A 297 -7.44 -14.74 -12.36
C VAL A 297 -6.89 -14.93 -13.76
N ASN A 298 -5.61 -15.31 -13.83
CA ASN A 298 -4.93 -15.55 -15.10
C ASN A 298 -5.28 -16.93 -15.64
N THR A 299 -5.16 -17.09 -16.95
CA THR A 299 -5.48 -18.37 -17.59
C THR A 299 -4.46 -19.46 -17.24
N ASN A 300 -3.32 -19.07 -16.66
CA ASN A 300 -2.28 -20.03 -16.31
C ASN A 300 -2.53 -20.75 -14.99
N LEU A 301 -3.40 -20.19 -14.16
CA LEU A 301 -3.70 -20.76 -12.84
C LEU A 301 -4.26 -22.19 -12.96
N GLU A 302 -3.80 -23.09 -12.09
CA GLU A 302 -4.16 -24.50 -12.17
C GLU A 302 -5.03 -24.97 -11.01
N ASN A 303 -4.93 -24.31 -9.86
CA ASN A 303 -5.73 -24.65 -8.69
C ASN A 303 -6.24 -23.40 -7.98
N LEU A 304 -7.54 -23.37 -7.68
CA LEU A 304 -8.16 -22.24 -7.02
C LEU A 304 -9.13 -22.68 -5.93
N TYR A 305 -8.88 -22.25 -4.71
CA TYR A 305 -9.70 -22.63 -3.55
C TYR A 305 -10.42 -21.41 -2.98
N LEU A 306 -11.75 -21.45 -2.99
CA LEU A 306 -12.58 -20.32 -2.60
C LEU A 306 -13.73 -20.73 -1.67
N GLN A 307 -13.65 -21.93 -1.11
CA GLN A 307 -14.73 -22.42 -0.28
C GLN A 307 -14.82 -21.62 1.03
N GLY A 308 -16.03 -21.53 1.57
CA GLY A 308 -16.24 -20.86 2.85
C GLY A 308 -16.28 -19.35 2.79
N ASN A 309 -16.50 -18.80 1.59
CA ASN A 309 -16.67 -17.35 1.41
C ASN A 309 -18.15 -17.01 1.32
N ARG A 310 -18.49 -15.84 0.78
CA ARG A 310 -19.87 -15.40 0.65
C ARG A 310 -20.25 -15.18 -0.82
N ILE A 311 -19.63 -15.94 -1.72
CA ILE A 311 -19.82 -15.74 -3.15
C ILE A 311 -21.25 -16.07 -3.59
N ASN A 312 -21.88 -15.13 -4.28
CA ASN A 312 -23.29 -15.24 -4.63
C ASN A 312 -23.58 -15.22 -6.13
N GLU A 313 -22.53 -15.25 -6.96
CA GLU A 313 -22.72 -15.41 -8.40
C GLU A 313 -21.51 -16.06 -9.07
N PHE A 314 -21.79 -16.88 -10.07
CA PHE A 314 -20.74 -17.50 -10.88
C PHE A 314 -20.54 -16.71 -12.17
N SER A 315 -19.46 -15.94 -12.22
CA SER A 315 -19.13 -15.15 -13.40
C SER A 315 -18.00 -15.78 -14.18
N ILE A 316 -18.28 -16.21 -15.40
CA ILE A 316 -17.28 -16.86 -16.24
C ILE A 316 -16.19 -15.87 -16.64
N SER A 317 -16.52 -14.58 -16.59
CA SER A 317 -15.57 -13.53 -16.99
C SER A 317 -14.44 -13.34 -15.98
N SER A 318 -14.50 -14.06 -14.87
CA SER A 318 -13.43 -14.00 -13.87
C SER A 318 -12.26 -14.89 -14.27
N PHE A 319 -12.52 -15.87 -15.13
CA PHE A 319 -11.50 -16.81 -15.59
C PHE A 319 -10.99 -16.42 -16.98
N CYS A 320 -11.91 -16.05 -17.86
CA CYS A 320 -11.56 -15.71 -19.24
C CYS A 320 -12.30 -14.43 -19.67
N THR A 321 -11.52 -13.43 -20.10
CA THR A 321 -12.10 -12.18 -20.57
C THR A 321 -12.66 -12.36 -21.98
N VAL A 322 -11.91 -13.10 -22.80
CA VAL A 322 -12.40 -13.51 -24.11
C VAL A 322 -12.10 -14.99 -24.30
N VAL A 323 -13.04 -15.71 -24.92
CA VAL A 323 -12.90 -17.14 -25.15
C VAL A 323 -12.93 -17.43 -26.64
N ASP A 324 -11.90 -18.12 -27.13
CA ASP A 324 -11.88 -18.59 -28.51
C ASP A 324 -11.13 -19.91 -28.59
N VAL A 325 -10.67 -20.27 -29.78
CA VAL A 325 -10.07 -21.57 -30.01
C VAL A 325 -8.77 -21.79 -29.22
N VAL A 326 -8.03 -20.70 -28.97
CA VAL A 326 -6.75 -20.80 -28.25
C VAL A 326 -6.72 -20.01 -26.93
N ASN A 327 -7.76 -19.23 -26.65
CA ASN A 327 -7.88 -18.51 -25.39
C ASN A 327 -8.85 -19.19 -24.43
N PHE A 328 -8.33 -19.74 -23.35
CA PHE A 328 -9.14 -20.42 -22.34
C PHE A 328 -8.34 -20.68 -21.06
N SER A 329 -9.05 -20.97 -19.98
CA SER A 329 -8.42 -21.19 -18.69
C SER A 329 -7.82 -22.59 -18.58
N LYS A 330 -6.67 -22.70 -17.93
CA LYS A 330 -6.00 -23.98 -17.75
C LYS A 330 -6.26 -24.55 -16.34
N LEU A 331 -7.30 -24.04 -15.70
CA LEU A 331 -7.66 -24.47 -14.35
C LEU A 331 -8.00 -25.96 -14.32
N GLN A 332 -7.45 -26.67 -13.34
CA GLN A 332 -7.68 -28.11 -13.20
C GLN A 332 -8.58 -28.40 -12.01
N VAL A 333 -8.41 -27.64 -10.93
CA VAL A 333 -9.18 -27.83 -9.71
C VAL A 333 -9.79 -26.50 -9.26
N LEU A 334 -11.07 -26.55 -8.89
CA LEU A 334 -11.82 -25.38 -8.46
C LEU A 334 -12.80 -25.75 -7.36
N ARG A 335 -12.62 -25.16 -6.18
CA ARG A 335 -13.54 -25.35 -5.05
C ARG A 335 -14.37 -24.10 -4.81
N LEU A 336 -15.69 -24.23 -4.94
CA LEU A 336 -16.62 -23.13 -4.72
C LEU A 336 -17.74 -23.52 -3.75
N ASP A 337 -17.59 -24.67 -3.11
CA ASP A 337 -18.60 -25.15 -2.16
C ASP A 337 -18.54 -24.32 -0.88
N GLY A 338 -19.62 -24.36 -0.09
CA GLY A 338 -19.71 -23.56 1.12
C GLY A 338 -19.83 -22.08 0.82
N ASN A 339 -20.48 -21.76 -0.30
CA ASN A 339 -20.79 -20.39 -0.66
C ASN A 339 -22.31 -20.24 -0.89
N GLU A 340 -22.72 -19.11 -1.47
CA GLU A 340 -24.14 -18.85 -1.70
C GLU A 340 -24.53 -19.05 -3.16
N ILE A 341 -24.06 -20.15 -3.75
CA ILE A 341 -24.42 -20.52 -5.10
C ILE A 341 -24.63 -22.02 -5.19
N LYS A 342 -25.52 -22.44 -6.09
CA LYS A 342 -25.74 -23.86 -6.37
C LYS A 342 -25.06 -24.20 -7.69
N ARG A 343 -24.95 -25.50 -7.98
CA ARG A 343 -24.23 -25.95 -9.16
C ARG A 343 -24.89 -25.45 -10.44
N SER A 344 -26.19 -25.21 -10.39
CA SER A 344 -26.93 -24.74 -11.57
C SER A 344 -26.59 -23.31 -11.93
N ALA A 345 -25.83 -22.63 -11.06
CA ALA A 345 -25.42 -21.25 -11.32
C ALA A 345 -24.31 -21.21 -12.38
N MET A 346 -23.67 -22.35 -12.61
CA MET A 346 -22.63 -22.47 -13.62
C MET A 346 -23.27 -22.79 -14.97
N PRO A 347 -23.02 -21.95 -15.99
CA PRO A 347 -23.72 -22.14 -17.27
C PRO A 347 -23.36 -23.45 -17.97
N ALA A 348 -24.22 -23.87 -18.90
CA ALA A 348 -24.06 -25.15 -19.59
C ALA A 348 -22.82 -25.16 -20.49
N ASP A 349 -22.43 -23.98 -20.96
CA ASP A 349 -21.28 -23.86 -21.87
C ASP A 349 -20.00 -23.48 -21.14
N ALA A 350 -19.99 -23.66 -19.82
CA ALA A 350 -18.82 -23.34 -19.01
C ALA A 350 -17.55 -24.09 -19.44
N PRO A 351 -17.69 -25.35 -19.87
CA PRO A 351 -16.48 -26.09 -20.27
C PRO A 351 -15.72 -25.48 -21.46
N LEU A 352 -16.32 -24.55 -22.18
CA LEU A 352 -15.62 -23.89 -23.28
C LEU A 352 -14.51 -23.00 -22.72
N CYS A 353 -14.74 -22.43 -21.54
CA CYS A 353 -13.73 -21.64 -20.86
C CYS A 353 -12.87 -22.54 -19.98
N LEU A 354 -13.51 -23.27 -19.08
CA LEU A 354 -12.81 -24.22 -18.21
C LEU A 354 -12.61 -25.55 -18.92
N ARG A 355 -11.85 -25.50 -20.01
CA ARG A 355 -11.70 -26.65 -20.90
C ARG A 355 -10.88 -27.80 -20.31
N LEU A 356 -10.16 -27.51 -19.22
CA LEU A 356 -9.28 -28.50 -18.59
C LEU A 356 -9.73 -28.91 -17.19
N ALA A 357 -10.79 -28.26 -16.70
CA ALA A 357 -11.25 -28.51 -15.34
C ALA A 357 -11.73 -29.94 -15.13
N SER A 358 -10.95 -30.71 -14.37
CA SER A 358 -11.26 -32.11 -14.10
C SER A 358 -12.05 -32.26 -12.80
N LEU A 359 -11.90 -31.31 -11.89
CA LEU A 359 -12.57 -31.36 -10.59
C LEU A 359 -13.13 -29.98 -10.23
N ILE A 360 -14.46 -29.87 -10.27
CA ILE A 360 -15.15 -28.65 -9.86
C ILE A 360 -16.15 -28.99 -8.76
N GLU A 361 -15.97 -28.37 -7.60
CA GLU A 361 -16.85 -28.57 -6.46
C GLU A 361 -17.66 -27.32 -6.17
N ILE A 362 -18.98 -27.47 -6.12
CA ILE A 362 -19.88 -26.37 -5.77
C ILE A 362 -20.89 -26.84 -4.73
N PRO B 57 -51.35 31.65 -9.63
CA PRO B 57 -51.31 30.22 -9.91
C PRO B 57 -50.00 29.56 -9.48
N ASP B 58 -48.87 30.18 -9.83
CA ASP B 58 -47.55 29.68 -9.47
C ASP B 58 -46.91 30.59 -8.43
N PRO B 59 -46.47 30.03 -7.28
CA PRO B 59 -45.87 30.87 -6.23
C PRO B 59 -44.63 31.65 -6.67
N ARG B 60 -44.54 32.90 -6.23
CA ARG B 60 -43.34 33.71 -6.44
C ARG B 60 -42.98 34.45 -5.16
N ASP B 61 -43.12 33.75 -4.03
CA ASP B 61 -42.73 34.30 -2.74
C ASP B 61 -41.21 34.39 -2.67
N CYS B 62 -40.71 35.31 -1.85
CA CYS B 62 -39.27 35.50 -1.73
C CYS B 62 -38.93 36.23 -0.42
N PRO B 63 -37.96 35.71 0.35
CA PRO B 63 -37.55 36.45 1.54
C PRO B 63 -37.03 37.84 1.18
N GLN B 64 -37.33 38.83 2.00
CA GLN B 64 -37.06 40.23 1.65
C GLN B 64 -35.58 40.60 1.72
N GLU B 65 -34.79 39.81 2.42
CA GLU B 65 -33.35 40.06 2.49
C GLU B 65 -32.65 39.56 1.23
N CYS B 66 -33.38 38.79 0.41
CA CYS B 66 -32.83 38.21 -0.81
C CYS B 66 -33.45 38.82 -2.06
N ASP B 67 -32.83 38.53 -3.20
CA ASP B 67 -33.33 39.00 -4.50
C ASP B 67 -33.60 37.82 -5.43
N CYS B 68 -34.79 37.83 -6.03
CA CYS B 68 -35.20 36.79 -6.97
C CYS B 68 -35.53 37.43 -8.33
N PRO B 69 -34.61 37.34 -9.31
CA PRO B 69 -34.85 38.02 -10.58
C PRO B 69 -36.05 37.43 -11.34
N PRO B 70 -36.99 38.29 -11.78
CA PRO B 70 -38.18 37.79 -12.49
C PRO B 70 -37.84 37.06 -13.80
N ASN B 71 -36.74 37.45 -14.43
CA ASN B 71 -36.32 36.85 -15.69
C ASN B 71 -35.77 35.43 -15.52
N PHE B 72 -35.45 35.07 -14.29
CA PHE B 72 -34.89 33.76 -13.98
C PHE B 72 -35.43 33.27 -12.63
N PRO B 73 -36.68 32.78 -12.60
CA PRO B 73 -37.38 32.48 -11.35
C PRO B 73 -36.79 31.36 -10.50
N THR B 74 -35.81 30.62 -11.03
CA THR B 74 -35.26 29.47 -10.30
C THR B 74 -33.94 29.81 -9.59
N ALA B 75 -33.62 31.09 -9.51
CA ALA B 75 -32.40 31.55 -8.84
C ALA B 75 -32.73 32.50 -7.70
N MET B 76 -31.92 32.46 -6.64
CA MET B 76 -32.09 33.36 -5.49
C MET B 76 -30.72 33.87 -5.03
N TYR B 77 -30.60 35.19 -4.91
CA TYR B 77 -29.34 35.82 -4.53
C TYR B 77 -29.42 36.45 -3.14
N CYS B 78 -28.53 36.01 -2.25
CA CYS B 78 -28.47 36.52 -0.88
C CYS B 78 -27.02 36.77 -0.48
N ASP B 79 -26.19 37.07 -1.47
CA ASP B 79 -24.74 37.16 -1.26
C ASP B 79 -24.28 38.58 -0.90
N ASN B 80 -23.30 38.65 0.00
CA ASN B 80 -22.63 39.91 0.33
C ASN B 80 -23.60 40.97 0.85
N ARG B 81 -24.34 40.62 1.89
CA ARG B 81 -25.38 41.49 2.45
C ARG B 81 -25.36 41.50 3.98
N ASN B 82 -24.23 41.09 4.56
CA ASN B 82 -24.09 41.02 6.01
C ASN B 82 -25.17 40.15 6.69
N LEU B 83 -25.59 39.09 6.02
CA LEU B 83 -26.59 38.19 6.58
C LEU B 83 -26.02 37.37 7.73
N LYS B 84 -26.82 37.17 8.77
CA LYS B 84 -26.40 36.45 9.96
C LYS B 84 -27.00 35.04 10.01
N TYR B 85 -27.86 34.72 9.06
CA TYR B 85 -28.54 33.42 9.04
C TYR B 85 -29.14 33.13 7.67
N LEU B 86 -29.45 31.85 7.43
CA LEU B 86 -30.06 31.42 6.18
C LEU B 86 -31.59 31.43 6.25
N PRO B 87 -32.25 32.18 5.36
CA PRO B 87 -33.72 32.06 5.31
C PRO B 87 -34.15 30.77 4.62
N PHE B 88 -35.36 30.30 4.90
CA PHE B 88 -35.85 29.07 4.29
C PHE B 88 -36.07 29.24 2.79
N VAL B 89 -35.59 28.27 2.02
CA VAL B 89 -35.55 28.39 0.56
C VAL B 89 -36.90 28.04 -0.08
N PRO B 90 -37.42 28.91 -0.97
CA PRO B 90 -38.66 28.60 -1.69
C PRO B 90 -38.55 27.33 -2.54
N SER B 91 -39.68 26.69 -2.78
CA SER B 91 -39.72 25.36 -3.42
C SER B 91 -39.16 25.33 -4.85
N ARG B 92 -39.27 26.45 -5.55
CA ARG B 92 -38.94 26.49 -6.99
C ARG B 92 -37.44 26.66 -7.29
N MET B 93 -36.64 26.91 -6.26
CA MET B 93 -35.24 27.28 -6.48
C MET B 93 -34.36 26.11 -6.90
N LYS B 94 -33.50 26.36 -7.89
CA LYS B 94 -32.51 25.39 -8.36
C LYS B 94 -31.09 25.89 -8.09
N TYR B 95 -30.94 27.20 -7.97
CA TYR B 95 -29.65 27.83 -7.67
C TYR B 95 -29.80 28.85 -6.56
N VAL B 96 -29.00 28.71 -5.51
CA VAL B 96 -29.04 29.65 -4.38
C VAL B 96 -27.63 30.11 -3.99
N TYR B 97 -27.49 31.39 -3.71
CA TYR B 97 -26.19 32.01 -3.44
C TYR B 97 -26.17 32.78 -2.12
N PHE B 98 -25.40 32.27 -1.17
CA PHE B 98 -25.33 32.85 0.18
C PHE B 98 -23.91 33.26 0.57
N GLN B 99 -23.01 33.36 -0.42
CA GLN B 99 -21.59 33.55 -0.11
C GLN B 99 -21.26 34.94 0.45
N ASN B 100 -20.17 35.00 1.21
CA ASN B 100 -19.61 36.25 1.72
C ASN B 100 -20.55 37.02 2.65
N ASN B 101 -21.10 36.31 3.64
CA ASN B 101 -21.85 36.93 4.73
C ASN B 101 -21.22 36.54 6.07
N GLN B 102 -21.98 36.66 7.16
CA GLN B 102 -21.50 36.24 8.48
C GLN B 102 -22.40 35.17 9.09
N ILE B 103 -22.77 34.18 8.28
CA ILE B 103 -23.61 33.09 8.72
C ILE B 103 -22.81 32.12 9.59
N THR B 104 -23.46 31.55 10.60
CA THR B 104 -22.79 30.68 11.56
C THR B 104 -23.38 29.27 11.61
N SER B 105 -24.58 29.08 11.06
CA SER B 105 -25.26 27.79 11.13
C SER B 105 -26.11 27.49 9.91
N ILE B 106 -26.22 26.20 9.61
CA ILE B 106 -27.14 25.71 8.59
C ILE B 106 -28.24 24.91 9.29
N GLN B 107 -29.35 25.56 9.57
CA GLN B 107 -30.38 24.97 10.42
C GLN B 107 -31.09 23.80 9.74
N GLU B 108 -31.58 22.89 10.56
CA GLU B 108 -32.26 21.69 10.08
C GLU B 108 -33.51 22.05 9.26
N GLY B 109 -33.58 21.50 8.05
CA GLY B 109 -34.76 21.63 7.22
C GLY B 109 -34.79 22.83 6.28
N VAL B 110 -33.67 23.53 6.16
CA VAL B 110 -33.63 24.77 5.38
C VAL B 110 -33.87 24.54 3.89
N PHE B 111 -33.50 23.37 3.37
CA PHE B 111 -33.62 23.07 1.94
C PHE B 111 -34.76 22.09 1.63
N ASP B 112 -35.56 21.75 2.63
CA ASP B 112 -36.51 20.65 2.50
C ASP B 112 -37.65 20.91 1.49
N ASN B 113 -37.90 22.16 1.15
CA ASN B 113 -38.91 22.49 0.14
C ASN B 113 -38.35 22.47 -1.28
N ALA B 114 -37.10 22.91 -1.43
CA ALA B 114 -36.47 22.98 -2.75
C ALA B 114 -35.72 21.69 -3.07
N THR B 115 -36.47 20.63 -3.37
CA THR B 115 -35.87 19.33 -3.63
C THR B 115 -35.17 19.26 -5.00
N GLY B 116 -35.33 20.30 -5.80
CA GLY B 116 -34.73 20.36 -7.12
C GLY B 116 -33.46 21.20 -7.18
N LEU B 117 -32.84 21.44 -6.03
CA LEU B 117 -31.64 22.27 -5.97
C LEU B 117 -30.46 21.63 -6.69
N LEU B 118 -29.76 22.44 -7.48
CA LEU B 118 -28.58 21.98 -8.22
C LEU B 118 -27.30 22.63 -7.67
N TRP B 119 -27.38 23.92 -7.34
CA TRP B 119 -26.24 24.68 -6.83
C TRP B 119 -26.51 25.26 -5.44
N ILE B 120 -25.55 25.09 -4.53
CA ILE B 120 -25.58 25.75 -3.23
C ILE B 120 -24.22 26.39 -2.93
N ALA B 121 -24.18 27.72 -2.94
CA ALA B 121 -22.96 28.46 -2.62
C ALA B 121 -23.04 29.02 -1.19
N LEU B 122 -22.13 28.55 -0.33
CA LEU B 122 -22.10 28.95 1.06
C LEU B 122 -20.69 29.38 1.50
N HIS B 123 -19.81 29.59 0.54
CA HIS B 123 -18.42 29.91 0.85
C HIS B 123 -18.26 31.33 1.38
N GLY B 124 -17.30 31.53 2.28
CA GLY B 124 -17.01 32.85 2.81
C GLY B 124 -17.90 33.27 3.97
N ASN B 125 -18.20 32.32 4.86
CA ASN B 125 -18.95 32.61 6.08
C ASN B 125 -18.15 32.10 7.29
N GLN B 126 -18.83 31.91 8.42
CA GLN B 126 -18.17 31.46 9.65
C GLN B 126 -18.88 30.23 10.23
N ILE B 127 -19.28 29.32 9.35
CA ILE B 127 -20.01 28.12 9.76
C ILE B 127 -19.08 27.13 10.46
N THR B 128 -19.55 26.59 11.59
CA THR B 128 -18.83 25.58 12.34
C THR B 128 -19.53 24.23 12.22
N SER B 129 -18.79 23.16 12.47
CA SER B 129 -19.29 21.81 12.26
C SER B 129 -20.43 21.44 13.21
N ASP B 130 -20.36 21.92 14.44
CA ASP B 130 -21.39 21.63 15.43
C ASP B 130 -22.74 22.25 15.03
N LYS B 131 -22.68 23.31 14.24
CA LYS B 131 -23.88 24.05 13.86
C LYS B 131 -24.36 23.69 12.44
N VAL B 132 -23.91 22.54 11.93
CA VAL B 132 -24.43 22.01 10.68
C VAL B 132 -25.58 21.05 10.99
N GLY B 133 -26.77 21.41 10.55
CA GLY B 133 -27.98 20.66 10.87
C GLY B 133 -27.94 19.20 10.47
N ARG B 134 -28.63 18.38 11.26
CA ARG B 134 -28.74 16.94 11.03
C ARG B 134 -29.44 16.63 9.72
N LYS B 135 -28.76 15.86 8.87
CA LYS B 135 -29.32 15.40 7.59
C LYS B 135 -29.83 16.56 6.72
N VAL B 136 -29.16 17.70 6.78
CA VAL B 136 -29.66 18.90 6.12
C VAL B 136 -29.58 18.82 4.58
N PHE B 137 -28.70 17.96 4.08
CA PHE B 137 -28.53 17.79 2.62
C PHE B 137 -29.22 16.54 2.09
N SER B 138 -29.86 15.79 2.98
CA SER B 138 -30.33 14.44 2.65
C SER B 138 -31.42 14.37 1.58
N LYS B 139 -32.29 15.38 1.53
CA LYS B 139 -33.44 15.33 0.61
C LYS B 139 -33.13 15.87 -0.78
N LEU B 140 -31.91 16.38 -0.98
CA LEU B 140 -31.51 16.95 -2.26
C LEU B 140 -30.83 15.90 -3.13
N ARG B 141 -31.63 15.10 -3.82
CA ARG B 141 -31.12 13.96 -4.58
C ARG B 141 -30.65 14.33 -5.99
N HIS B 142 -30.64 15.62 -6.29
CA HIS B 142 -30.18 16.10 -7.60
C HIS B 142 -29.08 17.16 -7.47
N LEU B 143 -28.59 17.37 -6.26
CA LEU B 143 -27.54 18.37 -6.02
C LEU B 143 -26.24 17.99 -6.74
N GLU B 144 -25.69 18.93 -7.49
CA GLU B 144 -24.50 18.68 -8.30
C GLU B 144 -23.26 19.41 -7.80
N ARG B 145 -23.45 20.62 -7.25
CA ARG B 145 -22.33 21.43 -6.76
C ARG B 145 -22.61 22.00 -5.37
N LEU B 146 -21.60 21.88 -4.51
CA LEU B 146 -21.69 22.40 -3.14
C LEU B 146 -20.40 23.14 -2.78
N TYR B 147 -20.54 24.45 -2.51
CA TYR B 147 -19.40 25.28 -2.14
C TYR B 147 -19.43 25.60 -0.65
N LEU B 148 -18.45 25.10 0.09
CA LEU B 148 -18.37 25.30 1.53
C LEU B 148 -16.97 25.75 1.96
N ASP B 149 -16.18 26.22 1.01
CA ASP B 149 -14.82 26.67 1.31
C ASP B 149 -14.83 27.99 2.07
N HIS B 150 -13.72 28.28 2.76
CA HIS B 150 -13.58 29.50 3.56
C HIS B 150 -14.66 29.63 4.63
N ASN B 151 -14.72 28.63 5.50
CA ASN B 151 -15.58 28.65 6.68
C ASN B 151 -14.75 28.23 7.91
N ASN B 152 -15.42 27.83 8.99
CA ASN B 152 -14.72 27.41 10.21
C ASN B 152 -14.99 25.93 10.54
N LEU B 153 -15.15 25.10 9.51
CA LEU B 153 -15.42 23.67 9.71
C LEU B 153 -14.21 22.92 10.25
N THR B 154 -14.45 21.95 11.12
CA THR B 154 -13.39 21.13 11.71
C THR B 154 -13.59 19.64 11.41
N ARG B 155 -14.72 19.29 10.79
CA ARG B 155 -15.02 17.91 10.42
C ARG B 155 -15.69 17.86 9.05
N MET B 156 -15.64 16.71 8.40
CA MET B 156 -16.35 16.51 7.14
C MET B 156 -17.86 16.59 7.39
N PRO B 157 -18.57 17.41 6.60
CA PRO B 157 -20.02 17.43 6.74
C PRO B 157 -20.67 16.25 6.03
N GLY B 158 -21.80 15.77 6.54
CA GLY B 158 -22.47 14.65 5.91
C GLY B 158 -23.78 14.28 6.59
N PRO B 159 -24.53 13.33 6.00
CA PRO B 159 -24.18 12.66 4.74
C PRO B 159 -24.42 13.54 3.52
N LEU B 160 -23.73 13.25 2.42
CA LEU B 160 -23.83 14.04 1.19
C LEU B 160 -24.58 13.27 0.11
N PRO B 161 -25.33 13.98 -0.75
CA PRO B 161 -26.11 13.30 -1.80
C PRO B 161 -25.23 12.60 -2.84
N ARG B 162 -25.70 11.45 -3.32
CA ARG B 162 -24.93 10.63 -4.24
C ARG B 162 -24.79 11.25 -5.63
N SER B 163 -25.42 12.41 -5.84
CA SER B 163 -25.43 13.05 -7.15
C SER B 163 -24.37 14.15 -7.30
N LEU B 164 -23.57 14.38 -6.26
CA LEU B 164 -22.58 15.46 -6.30
C LEU B 164 -21.53 15.28 -7.39
N ARG B 165 -21.23 16.38 -8.07
CA ARG B 165 -20.20 16.39 -9.12
C ARG B 165 -18.97 17.19 -8.68
N GLU B 166 -19.19 18.23 -7.88
CA GLU B 166 -18.10 19.07 -7.38
C GLU B 166 -18.30 19.41 -5.91
N LEU B 167 -17.24 19.24 -5.13
CA LEU B 167 -17.28 19.53 -3.70
C LEU B 167 -16.08 20.39 -3.30
N HIS B 168 -16.37 21.57 -2.76
CA HIS B 168 -15.33 22.50 -2.33
C HIS B 168 -15.33 22.63 -0.80
N LEU B 169 -14.20 22.30 -0.18
CA LEU B 169 -14.07 22.32 1.27
C LEU B 169 -12.73 22.91 1.68
N ASP B 170 -12.07 23.59 0.75
CA ASP B 170 -10.75 24.16 1.01
C ASP B 170 -10.85 25.36 1.95
N HIS B 171 -9.73 25.67 2.60
CA HIS B 171 -9.63 26.80 3.53
C HIS B 171 -10.62 26.70 4.69
N ASN B 172 -10.67 25.52 5.31
CA ASN B 172 -11.32 25.33 6.60
C ASN B 172 -10.25 24.85 7.59
N GLN B 173 -10.68 24.20 8.67
CA GLN B 173 -9.73 23.62 9.63
C GLN B 173 -10.03 22.15 9.88
N ILE B 174 -10.33 21.42 8.81
CA ILE B 174 -10.66 20.00 8.91
C ILE B 174 -9.42 19.19 9.27
N SER B 175 -9.57 18.28 10.23
CA SER B 175 -8.44 17.55 10.79
C SER B 175 -8.34 16.10 10.29
N ARG B 176 -9.42 15.61 9.70
CA ARG B 176 -9.49 14.20 9.30
C ARG B 176 -10.58 13.94 8.28
N VAL B 177 -10.36 12.93 7.43
CA VAL B 177 -11.39 12.43 6.52
C VAL B 177 -11.63 10.95 6.80
N PRO B 178 -12.72 10.64 7.54
CA PRO B 178 -12.99 9.22 7.84
C PRO B 178 -13.30 8.40 6.59
N ASN B 179 -13.13 7.08 6.70
CA ASN B 179 -13.20 6.19 5.54
C ASN B 179 -14.55 6.19 4.82
N ASN B 180 -15.61 6.53 5.54
CA ASN B 180 -16.96 6.52 4.97
C ASN B 180 -17.51 7.91 4.69
N ALA B 181 -16.65 8.92 4.76
CA ALA B 181 -17.07 10.31 4.60
C ALA B 181 -17.63 10.61 3.21
N LEU B 182 -17.12 9.91 2.20
CA LEU B 182 -17.50 10.16 0.81
C LEU B 182 -18.14 8.91 0.18
N GLU B 183 -18.89 8.17 0.99
CA GLU B 183 -19.50 6.91 0.55
C GLU B 183 -20.57 7.14 -0.52
N GLY B 184 -20.36 6.52 -1.69
CA GLY B 184 -21.38 6.49 -2.73
C GLY B 184 -21.33 7.62 -3.73
N LEU B 185 -20.39 8.55 -3.56
CA LEU B 185 -20.26 9.67 -4.48
C LEU B 185 -19.54 9.23 -5.76
N GLU B 186 -20.25 8.50 -6.61
CA GLU B 186 -19.66 7.88 -7.80
C GLU B 186 -19.70 8.78 -9.03
N ASN B 187 -20.30 9.97 -8.89
CA ASN B 187 -20.32 10.95 -9.97
C ASN B 187 -19.43 12.16 -9.67
N LEU B 188 -18.78 12.14 -8.50
CA LEU B 188 -17.89 13.22 -8.09
C LEU B 188 -16.64 13.27 -8.97
N THR B 189 -16.40 14.42 -9.59
CA THR B 189 -15.28 14.57 -10.52
C THR B 189 -14.14 15.44 -9.96
N ALA B 190 -14.47 16.30 -9.00
CA ALA B 190 -13.47 17.18 -8.41
C ALA B 190 -13.70 17.40 -6.91
N LEU B 191 -12.64 17.25 -6.14
CA LEU B 191 -12.68 17.39 -4.68
C LEU B 191 -11.56 18.31 -4.20
N TYR B 192 -11.92 19.46 -3.64
CA TYR B 192 -10.96 20.45 -3.16
C TYR B 192 -10.88 20.44 -1.64
N LEU B 193 -9.70 20.12 -1.12
CA LEU B 193 -9.49 20.02 0.33
C LEU B 193 -8.20 20.72 0.76
N GLN B 194 -7.64 21.57 -0.10
CA GLN B 194 -6.37 22.22 0.21
C GLN B 194 -6.53 23.24 1.33
N HIS B 195 -5.42 23.50 2.03
CA HIS B 195 -5.35 24.45 3.13
C HIS B 195 -6.33 24.10 4.28
N ASN B 196 -6.24 22.85 4.74
CA ASN B 196 -6.89 22.41 5.97
C ASN B 196 -5.81 21.91 6.93
N GLU B 197 -6.19 21.07 7.90
CA GLU B 197 -5.24 20.49 8.84
C GLU B 197 -5.33 18.97 8.83
N ILE B 198 -5.57 18.41 7.66
CA ILE B 198 -5.80 16.97 7.52
C ILE B 198 -4.52 16.16 7.75
N GLN B 199 -4.64 15.09 8.53
CA GLN B 199 -3.51 14.22 8.84
C GLN B 199 -3.59 12.89 8.10
N GLU B 200 -4.81 12.44 7.82
CA GLU B 200 -5.01 11.18 7.12
C GLU B 200 -6.39 11.13 6.47
N VAL B 201 -6.51 10.37 5.38
CA VAL B 201 -7.78 10.17 4.69
C VAL B 201 -8.12 8.69 4.54
N GLY B 202 -7.17 7.83 4.91
CA GLY B 202 -7.38 6.39 4.87
C GLY B 202 -7.80 5.86 3.51
N SER B 203 -8.93 5.15 3.49
CA SER B 203 -9.43 4.52 2.29
C SER B 203 -10.65 5.25 1.72
N SER B 204 -10.79 6.52 2.07
CA SER B 204 -12.00 7.28 1.73
C SER B 204 -12.15 7.56 0.23
N MET B 205 -11.07 7.41 -0.53
CA MET B 205 -11.05 7.80 -1.94
C MET B 205 -11.26 6.63 -2.90
N ARG B 206 -11.22 5.41 -2.38
CA ARG B 206 -11.22 4.21 -3.22
C ARG B 206 -12.44 4.07 -4.14
N GLY B 207 -13.61 4.49 -3.66
CA GLY B 207 -14.85 4.28 -4.39
C GLY B 207 -15.27 5.41 -5.31
N LEU B 208 -14.46 6.46 -5.37
CA LEU B 208 -14.79 7.63 -6.19
C LEU B 208 -14.39 7.40 -7.64
N ARG B 209 -15.21 6.63 -8.35
CA ARG B 209 -14.83 6.11 -9.66
C ARG B 209 -14.88 7.14 -10.80
N SER B 210 -15.44 8.31 -10.54
CA SER B 210 -15.51 9.37 -11.54
C SER B 210 -14.51 10.49 -11.26
N LEU B 211 -13.84 10.42 -10.11
CA LEU B 211 -12.93 11.48 -9.68
C LEU B 211 -11.79 11.73 -10.67
N ILE B 212 -11.63 12.99 -11.06
CA ILE B 212 -10.58 13.39 -11.99
C ILE B 212 -9.48 14.20 -11.29
N LEU B 213 -9.88 15.01 -10.31
CA LEU B 213 -8.95 15.90 -9.62
C LEU B 213 -9.09 15.78 -8.10
N LEU B 214 -7.95 15.63 -7.44
CA LEU B 214 -7.88 15.60 -5.98
C LEU B 214 -6.80 16.54 -5.47
N ASP B 215 -7.20 17.54 -4.70
CA ASP B 215 -6.26 18.53 -4.15
C ASP B 215 -6.18 18.42 -2.63
N LEU B 216 -5.03 17.97 -2.13
CA LEU B 216 -4.80 17.78 -0.70
C LEU B 216 -3.60 18.58 -0.22
N SER B 217 -3.15 19.52 -1.05
CA SER B 217 -1.94 20.28 -0.73
C SER B 217 -2.16 21.19 0.47
N TYR B 218 -1.06 21.61 1.09
CA TYR B 218 -1.09 22.50 2.26
C TYR B 218 -1.93 21.93 3.40
N ASN B 219 -1.62 20.70 3.81
CA ASN B 219 -2.26 20.05 4.95
C ASN B 219 -1.18 19.53 5.91
N HIS B 220 -1.52 18.54 6.72
CA HIS B 220 -0.54 17.88 7.60
C HIS B 220 -0.46 16.37 7.31
N LEU B 221 -0.66 15.99 6.05
CA LEU B 221 -0.65 14.58 5.67
C LEU B 221 0.65 13.88 6.06
N ARG B 222 0.52 12.75 6.75
CA ARG B 222 1.67 11.93 7.12
C ARG B 222 1.63 10.59 6.38
N LYS B 223 0.53 10.33 5.68
CA LYS B 223 0.37 9.11 4.88
C LYS B 223 -0.40 9.42 3.60
N VAL B 224 0.04 8.85 2.48
CA VAL B 224 -0.69 8.99 1.23
C VAL B 224 -2.00 8.19 1.30
N PRO B 225 -2.98 8.53 0.45
CA PRO B 225 -4.27 7.81 0.48
C PRO B 225 -4.13 6.31 0.26
N ASP B 226 -4.78 5.52 1.12
CA ASP B 226 -4.74 4.07 1.01
C ASP B 226 -5.60 3.58 -0.15
N GLY B 227 -5.12 3.80 -1.37
CA GLY B 227 -5.84 3.41 -2.57
C GLY B 227 -6.40 4.61 -3.32
N LEU B 228 -6.08 4.67 -4.62
CA LEU B 228 -6.56 5.76 -5.48
C LEU B 228 -7.60 5.23 -6.47
N PRO B 229 -8.60 6.06 -6.82
CA PRO B 229 -9.60 5.62 -7.80
C PRO B 229 -9.03 5.59 -9.23
N SER B 230 -9.75 4.93 -10.13
CA SER B 230 -9.18 4.52 -11.41
C SER B 230 -9.17 5.59 -12.51
N ALA B 231 -9.97 6.64 -12.37
CA ALA B 231 -10.08 7.66 -13.40
C ALA B 231 -9.27 8.93 -13.08
N LEU B 232 -8.56 8.91 -11.95
CA LEU B 232 -7.83 10.08 -11.48
C LEU B 232 -6.74 10.53 -12.45
N GLU B 233 -6.69 11.84 -12.72
CA GLU B 233 -5.73 12.43 -13.65
C GLU B 233 -4.77 13.41 -12.97
N GLN B 234 -5.24 14.10 -11.93
CA GLN B 234 -4.44 15.09 -11.21
C GLN B 234 -4.46 14.83 -9.72
N LEU B 235 -3.26 14.84 -9.11
CA LEU B 235 -3.10 14.58 -7.69
C LEU B 235 -2.10 15.56 -7.08
N TYR B 236 -2.59 16.42 -6.20
CA TYR B 236 -1.76 17.47 -5.60
C TYR B 236 -1.63 17.28 -4.09
N MET B 237 -0.39 17.11 -3.64
CA MET B 237 -0.10 16.83 -2.22
C MET B 237 1.15 17.54 -1.73
N GLU B 238 1.49 18.67 -2.35
CA GLU B 238 2.66 19.44 -1.93
C GLU B 238 2.41 20.11 -0.57
N HIS B 239 3.49 20.46 0.11
CA HIS B 239 3.42 21.09 1.43
C HIS B 239 2.64 20.24 2.44
N ASN B 240 3.15 19.03 2.67
CA ASN B 240 2.60 18.12 3.68
C ASN B 240 3.75 17.51 4.48
N ASN B 241 3.47 16.40 5.17
CA ASN B 241 4.49 15.74 6.00
C ASN B 241 4.66 14.26 5.63
N VAL B 242 4.64 13.98 4.33
CA VAL B 242 4.83 12.61 3.85
C VAL B 242 6.32 12.25 3.82
N TYR B 243 6.64 11.06 4.31
CA TYR B 243 8.02 10.59 4.36
C TYR B 243 8.21 9.23 3.68
N THR B 244 7.11 8.59 3.33
CA THR B 244 7.14 7.26 2.70
C THR B 244 6.07 7.13 1.62
N VAL B 245 6.39 6.40 0.56
CA VAL B 245 5.43 6.06 -0.48
C VAL B 245 5.58 4.57 -0.84
N PRO B 246 4.49 3.79 -0.78
CA PRO B 246 4.59 2.34 -0.96
C PRO B 246 5.06 1.87 -2.34
N ASP B 247 5.39 0.59 -2.42
CA ASP B 247 5.82 -0.05 -3.66
C ASP B 247 4.69 -0.11 -4.69
N SER B 248 5.00 0.29 -5.92
CA SER B 248 4.05 0.24 -7.03
C SER B 248 2.76 1.01 -6.72
N TYR B 249 2.90 2.17 -6.08
CA TYR B 249 1.74 2.92 -5.59
C TYR B 249 0.84 3.45 -6.70
N PHE B 250 1.43 3.99 -7.76
CA PHE B 250 0.68 4.72 -8.77
C PHE B 250 0.13 3.84 -9.89
N ARG B 251 0.44 2.54 -9.86
CA ARG B 251 -0.05 1.63 -10.90
C ARG B 251 -1.55 1.38 -10.75
N GLY B 252 -2.11 1.78 -9.62
CA GLY B 252 -3.54 1.68 -9.39
C GLY B 252 -4.32 2.82 -10.02
N ALA B 253 -3.60 3.80 -10.56
CA ALA B 253 -4.20 4.94 -11.25
C ALA B 253 -3.69 5.01 -12.69
N PRO B 254 -4.31 4.22 -13.59
CA PRO B 254 -3.78 4.05 -14.95
C PRO B 254 -3.87 5.29 -15.85
N LYS B 255 -4.53 6.35 -15.39
CA LYS B 255 -4.70 7.55 -16.21
C LYS B 255 -4.15 8.81 -15.53
N LEU B 256 -3.37 8.62 -14.48
CA LEU B 256 -2.76 9.73 -13.75
C LEU B 256 -1.71 10.44 -14.61
N LEU B 257 -1.84 11.77 -14.71
CA LEU B 257 -0.99 12.56 -15.60
C LEU B 257 -0.05 13.50 -14.83
N TYR B 258 -0.56 14.11 -13.76
CA TYR B 258 0.18 15.12 -13.02
C TYR B 258 0.21 14.81 -11.52
N VAL B 259 1.41 14.82 -10.95
CA VAL B 259 1.59 14.62 -9.51
C VAL B 259 2.54 15.66 -8.92
N ARG B 260 2.11 16.29 -7.83
CA ARG B 260 2.95 17.21 -7.08
C ARG B 260 3.16 16.70 -5.65
N LEU B 261 4.43 16.55 -5.26
CA LEU B 261 4.79 16.06 -3.93
C LEU B 261 5.97 16.86 -3.36
N SER B 262 6.09 18.12 -3.78
CA SER B 262 7.17 18.97 -3.33
C SER B 262 6.96 19.43 -1.90
N HIS B 263 8.06 19.83 -1.24
CA HIS B 263 8.02 20.32 0.14
C HIS B 263 7.38 19.30 1.08
N ASN B 264 7.87 18.06 1.01
CA ASN B 264 7.52 17.01 1.96
C ASN B 264 8.81 16.52 2.64
N SER B 265 8.82 15.30 3.15
CA SER B 265 9.99 14.77 3.85
C SER B 265 10.47 13.45 3.23
N LEU B 266 10.38 13.35 1.91
CA LEU B 266 10.76 12.12 1.21
C LEU B 266 12.26 11.88 1.22
N THR B 267 12.63 10.63 1.48
CA THR B 267 14.00 10.17 1.31
C THR B 267 13.96 8.89 0.48
N ASN B 268 15.07 8.52 -0.13
CA ASN B 268 15.10 7.32 -0.97
C ASN B 268 14.83 6.06 -0.16
N ASN B 269 15.20 6.09 1.12
CA ASN B 269 14.91 4.98 2.03
C ASN B 269 13.41 4.77 2.19
N GLY B 270 12.65 5.85 2.07
CA GLY B 270 11.20 5.80 2.21
C GLY B 270 10.49 5.44 0.92
N LEU B 271 11.26 5.29 -0.16
CA LEU B 271 10.69 4.94 -1.47
C LEU B 271 11.13 3.56 -1.91
N ALA B 272 10.30 2.92 -2.73
CA ALA B 272 10.68 1.71 -3.44
C ALA B 272 11.20 2.11 -4.82
N SER B 273 11.95 1.21 -5.45
CA SER B 273 12.58 1.50 -6.73
C SER B 273 11.56 1.77 -7.84
N ASN B 274 10.40 1.12 -7.78
CA ASN B 274 9.39 1.24 -8.82
C ASN B 274 8.27 2.23 -8.48
N THR B 275 8.41 2.92 -7.35
CA THR B 275 7.34 3.79 -6.84
C THR B 275 6.84 4.79 -7.88
N PHE B 276 7.76 5.50 -8.54
CA PHE B 276 7.38 6.53 -9.51
C PHE B 276 7.50 6.06 -10.95
N ASN B 277 7.68 4.76 -11.16
CA ASN B 277 7.70 4.19 -12.50
C ASN B 277 6.27 3.89 -12.96
N SER B 278 5.69 4.83 -13.69
CA SER B 278 4.33 4.71 -14.20
C SER B 278 4.25 5.18 -15.65
N SER B 279 3.58 4.40 -16.48
CA SER B 279 3.53 4.67 -17.92
C SER B 279 2.65 5.87 -18.27
N SER B 280 1.73 6.24 -17.38
CA SER B 280 0.78 7.31 -17.67
C SER B 280 1.29 8.71 -17.31
N LEU B 281 2.13 8.80 -16.27
CA LEU B 281 2.60 10.09 -15.78
C LEU B 281 3.31 10.94 -16.83
N LEU B 282 2.97 12.23 -16.86
CA LEU B 282 3.58 13.20 -17.76
C LEU B 282 4.43 14.22 -16.98
N GLU B 283 3.95 14.62 -15.82
CA GLU B 283 4.61 15.64 -15.00
C GLU B 283 4.72 15.19 -13.54
N LEU B 284 5.93 15.31 -12.99
CA LEU B 284 6.20 14.90 -11.61
C LEU B 284 7.08 15.94 -10.90
N ASP B 285 6.57 16.47 -9.79
CA ASP B 285 7.27 17.49 -9.01
C ASP B 285 7.64 16.93 -7.63
N LEU B 286 8.95 16.80 -7.38
CA LEU B 286 9.45 16.28 -6.12
C LEU B 286 10.50 17.20 -5.50
N SER B 287 10.45 18.49 -5.87
CA SER B 287 11.45 19.44 -5.39
C SER B 287 11.34 19.68 -3.89
N TYR B 288 12.47 20.04 -3.29
CA TYR B 288 12.55 20.35 -1.85
C TYR B 288 12.07 19.21 -0.96
N ASN B 289 12.58 18.02 -1.22
CA ASN B 289 12.52 16.91 -0.29
C ASN B 289 13.94 16.63 0.20
N GLN B 290 14.24 15.39 0.62
CA GLN B 290 15.58 15.04 1.10
C GLN B 290 16.18 13.88 0.30
N LEU B 291 15.90 13.85 -1.00
CA LEU B 291 16.39 12.78 -1.85
C LEU B 291 17.90 12.90 -2.09
N GLN B 292 18.59 11.78 -2.10
CA GLN B 292 20.03 11.75 -2.38
C GLN B 292 20.31 11.13 -3.75
N LYS B 293 19.31 10.46 -4.32
CA LYS B 293 19.42 9.86 -5.63
C LYS B 293 18.18 10.19 -6.47
N ILE B 294 18.36 10.27 -7.79
CA ILE B 294 17.23 10.46 -8.69
C ILE B 294 16.33 9.22 -8.64
N PRO B 295 15.09 9.36 -8.15
CA PRO B 295 14.22 8.18 -8.14
C PRO B 295 13.88 7.71 -9.56
N PRO B 296 13.94 6.39 -9.83
CA PRO B 296 13.68 5.87 -11.17
C PRO B 296 12.32 6.27 -11.73
N VAL B 297 12.25 6.49 -13.05
CA VAL B 297 11.02 6.92 -13.71
C VAL B 297 10.78 6.16 -15.01
N ASN B 298 9.54 6.21 -15.49
CA ASN B 298 9.17 5.60 -16.76
C ASN B 298 9.69 6.44 -17.94
N THR B 299 9.84 5.81 -19.10
CA THR B 299 10.34 6.51 -20.28
C THR B 299 9.31 7.48 -20.86
N ASN B 300 8.06 7.38 -20.39
CA ASN B 300 7.00 8.25 -20.89
C ASN B 300 6.98 9.62 -20.22
N LEU B 301 7.66 9.75 -19.09
CA LEU B 301 7.67 11.01 -18.35
C LEU B 301 8.30 12.13 -19.18
N GLU B 302 7.70 13.32 -19.11
CA GLU B 302 8.12 14.45 -19.95
C GLU B 302 8.74 15.60 -19.15
N ASN B 303 8.34 15.74 -17.89
CA ASN B 303 8.87 16.80 -17.03
C ASN B 303 9.15 16.30 -15.62
N LEU B 304 10.33 16.63 -15.09
CA LEU B 304 10.74 16.20 -13.77
C LEU B 304 11.47 17.33 -13.02
N TYR B 305 10.94 17.68 -11.86
CA TYR B 305 11.51 18.75 -11.03
C TYR B 305 12.05 18.18 -9.71
N LEU B 306 13.36 18.35 -9.49
CA LEU B 306 14.04 17.78 -8.34
C LEU B 306 14.96 18.79 -7.64
N GLN B 307 14.74 20.07 -7.88
CA GLN B 307 15.61 21.09 -7.30
C GLN B 307 15.47 21.13 -5.77
N GLY B 308 16.54 21.53 -5.10
CA GLY B 308 16.51 21.71 -3.66
C GLY B 308 16.47 20.41 -2.86
N ASN B 309 16.91 19.32 -3.48
CA ASN B 309 17.10 18.06 -2.76
C ASN B 309 18.57 17.89 -2.41
N ARG B 310 18.97 16.69 -1.98
CA ARG B 310 20.36 16.43 -1.57
C ARG B 310 21.08 15.51 -2.55
N ILE B 311 20.69 15.55 -3.82
CA ILE B 311 21.17 14.57 -4.80
C ILE B 311 22.65 14.76 -5.12
N ASN B 312 23.41 13.67 -5.05
CA ASN B 312 24.86 13.71 -5.20
C ASN B 312 25.40 12.83 -6.33
N GLU B 313 24.51 12.46 -7.26
CA GLU B 313 24.91 11.60 -8.37
C GLU B 313 23.90 11.67 -9.52
N PHE B 314 24.42 11.81 -10.74
CA PHE B 314 23.60 11.76 -11.93
C PHE B 314 23.69 10.38 -12.56
N SER B 315 22.70 9.53 -12.26
CA SER B 315 22.68 8.16 -12.77
C SER B 315 21.69 8.01 -13.93
N ILE B 316 22.22 7.71 -15.11
CA ILE B 316 21.41 7.50 -16.30
C ILE B 316 20.43 6.34 -16.09
N SER B 317 20.84 5.39 -15.25
CA SER B 317 20.02 4.21 -14.98
C SER B 317 18.67 4.54 -14.37
N SER B 318 18.52 5.77 -13.88
CA SER B 318 17.23 6.22 -13.33
C SER B 318 16.21 6.47 -14.42
N PHE B 319 16.70 6.71 -15.63
CA PHE B 319 15.83 7.02 -16.78
C PHE B 319 15.68 5.82 -17.71
N CYS B 320 16.78 5.10 -17.93
CA CYS B 320 16.78 3.97 -18.86
C CYS B 320 17.53 2.77 -18.27
N THR B 321 16.80 1.67 -18.10
CA THR B 321 17.41 0.41 -17.68
C THR B 321 18.17 -0.19 -18.86
N VAL B 322 17.56 -0.10 -20.03
CA VAL B 322 18.18 -0.52 -21.28
C VAL B 322 18.09 0.60 -22.31
N VAL B 323 19.15 0.76 -23.09
CA VAL B 323 19.20 1.79 -24.12
C VAL B 323 19.58 1.17 -25.45
N ASP B 324 18.74 1.39 -26.47
CA ASP B 324 19.05 0.96 -27.82
C ASP B 324 18.39 1.90 -28.82
N VAL B 325 18.22 1.44 -30.06
CA VAL B 325 17.73 2.30 -31.13
C VAL B 325 16.31 2.81 -30.89
N VAL B 326 15.49 2.03 -30.19
CA VAL B 326 14.09 2.41 -29.95
C VAL B 326 13.72 2.52 -28.46
N ASN B 327 14.65 2.16 -27.57
CA ASN B 327 14.42 2.33 -26.13
C ASN B 327 15.17 3.54 -25.58
N PHE B 328 14.42 4.55 -25.14
CA PHE B 328 15.01 5.74 -24.57
C PHE B 328 13.95 6.59 -23.87
N SER B 329 14.40 7.62 -23.16
CA SER B 329 13.52 8.47 -22.36
C SER B 329 12.93 9.60 -23.21
N LYS B 330 11.65 9.90 -22.99
CA LYS B 330 10.97 10.98 -23.70
C LYS B 330 11.00 12.29 -22.91
N LEU B 331 11.82 12.34 -21.86
CA LEU B 331 11.91 13.52 -21.01
C LEU B 331 12.28 14.77 -21.80
N GLN B 332 11.59 15.87 -21.51
CA GLN B 332 11.80 17.15 -22.20
C GLN B 332 12.45 18.19 -21.29
N VAL B 333 12.02 18.21 -20.02
CA VAL B 333 12.53 19.16 -19.05
C VAL B 333 13.02 18.45 -17.79
N LEU B 334 14.17 18.88 -17.28
CA LEU B 334 14.76 18.29 -16.08
C LEU B 334 15.43 19.39 -15.24
N ARG B 335 15.01 19.50 -13.99
CA ARG B 335 15.56 20.48 -13.06
C ARG B 335 16.28 19.82 -11.90
N LEU B 336 17.58 20.10 -11.78
CA LEU B 336 18.41 19.49 -10.75
C LEU B 336 19.27 20.52 -10.02
N ASP B 337 19.00 21.81 -10.25
CA ASP B 337 19.76 22.87 -9.58
C ASP B 337 19.47 22.88 -8.09
N GLY B 338 20.44 23.33 -7.30
CA GLY B 338 20.31 23.36 -5.86
C GLY B 338 20.46 21.98 -5.24
N ASN B 339 21.25 21.13 -5.88
CA ASN B 339 21.61 19.82 -5.34
C ASN B 339 23.12 19.74 -5.14
N GLU B 340 23.63 18.55 -4.85
CA GLU B 340 25.07 18.36 -4.63
C GLU B 340 25.76 17.79 -5.87
N ILE B 341 25.47 18.38 -7.03
CA ILE B 341 26.12 17.97 -8.27
C ILE B 341 26.35 19.17 -9.19
N LYS B 342 27.37 19.06 -10.04
CA LYS B 342 27.65 20.06 -11.06
C LYS B 342 27.37 19.46 -12.44
N ARG B 343 27.47 20.28 -13.48
CA ARG B 343 27.19 19.83 -14.84
C ARG B 343 28.05 18.66 -15.26
N SER B 344 29.31 18.66 -14.80
CA SER B 344 30.27 17.63 -15.18
C SER B 344 29.88 16.24 -14.67
N ALA B 345 28.91 16.19 -13.77
CA ALA B 345 28.44 14.92 -13.22
C ALA B 345 27.60 14.16 -14.25
N MET B 346 27.12 14.88 -15.26
CA MET B 346 26.33 14.26 -16.32
C MET B 346 27.24 13.65 -17.37
N PRO B 347 27.06 12.35 -17.69
CA PRO B 347 27.97 11.72 -18.66
C PRO B 347 27.89 12.33 -20.05
N ALA B 348 28.96 12.19 -20.83
CA ALA B 348 29.04 12.80 -22.15
C ALA B 348 28.05 12.17 -23.12
N ASP B 349 27.75 10.89 -22.92
CA ASP B 349 26.84 10.16 -23.81
C ASP B 349 25.43 10.10 -23.24
N ALA B 350 25.08 11.08 -22.41
CA ALA B 350 23.75 11.16 -21.82
C ALA B 350 22.64 11.38 -22.86
N PRO B 351 22.92 12.11 -23.95
CA PRO B 351 21.89 12.31 -24.97
C PRO B 351 21.40 11.02 -25.66
N LEU B 352 22.08 9.90 -25.43
CA LEU B 352 21.63 8.62 -25.97
C LEU B 352 20.39 8.14 -25.24
N CYS B 353 20.31 8.43 -23.95
CA CYS B 353 19.14 8.10 -23.15
C CYS B 353 18.14 9.26 -23.18
N LEU B 354 18.61 10.45 -22.78
CA LEU B 354 17.79 11.65 -22.81
C LEU B 354 17.82 12.27 -24.21
N ARG B 355 17.23 11.56 -25.17
CA ARG B 355 17.35 11.91 -26.58
C ARG B 355 16.43 13.05 -27.01
N LEU B 356 15.56 13.50 -26.11
CA LEU B 356 14.61 14.57 -26.43
C LEU B 356 14.67 15.72 -25.44
N ALA B 357 15.67 15.70 -24.55
CA ALA B 357 15.80 16.72 -23.52
C ALA B 357 16.17 18.08 -24.12
N SER B 358 15.24 19.01 -24.08
CA SER B 358 15.46 20.35 -24.64
C SER B 358 15.91 21.35 -23.59
N LEU B 359 15.78 20.98 -22.31
CA LEU B 359 16.15 21.86 -21.21
C LEU B 359 16.57 21.07 -19.97
N ILE B 360 17.85 21.14 -19.64
CA ILE B 360 18.39 20.52 -18.44
C ILE B 360 19.18 21.54 -17.63
N GLU B 361 18.76 21.76 -16.39
CA GLU B 361 19.42 22.70 -15.49
C GLU B 361 20.02 21.97 -14.30
N ILE B 362 21.31 22.22 -14.06
CA ILE B 362 22.02 21.62 -12.93
C ILE B 362 22.77 22.70 -12.15
#